data_3HRA
#
_entry.id   3HRA
#
_cell.length_a   26.961
_cell.length_b   66.902
_cell.length_c   94.959
_cell.angle_alpha   90.00
_cell.angle_beta   90.00
_cell.angle_gamma   90.00
#
_symmetry.space_group_name_H-M   'P 21 21 21'
#
loop_
_entity.id
_entity.type
_entity.pdbx_description
1 polymer 'Ankyrin repeat family protein'
2 non-polymer 'CHLORIDE ION'
3 water water
#
_entity_poly.entity_id   1
_entity_poly.type   'polypeptide(L)'
_entity_poly.pdbx_seq_one_letter_code
;MKTYEVGALLEAANQRDTKKVKEILQDTTYQVDEVDTEGNTPLNIAVHNNDIEIAKALIDRGADINLQNSISDSPYLYAG
AQGRTEILAYMLKHATPDLNKHNRYGGNALIPAAEKGHIDNVKLLLEDGREDIDFQNDFGYTALIEAVGLREGNQLYQDI
VKLLMENGADQSIKDNSGRTAMDYANQKGYTEISKILAQYN
;
_entity_poly.pdbx_strand_id   A
#
loop_
_chem_comp.id
_chem_comp.type
_chem_comp.name
_chem_comp.formula
CL non-polymer 'CHLORIDE ION' 'Cl -1'
#
# COMPACT_ATOMS: atom_id res chain seq x y z
N THR A 3 -8.92 -10.74 31.39
CA THR A 3 -9.54 -9.71 32.22
C THR A 3 -8.93 -8.34 31.90
N TYR A 4 -8.15 -8.28 30.81
CA TYR A 4 -7.59 -7.02 30.35
C TYR A 4 -8.69 -5.99 30.07
N GLU A 5 -8.36 -4.72 30.30
CA GLU A 5 -9.29 -3.65 30.00
C GLU A 5 -9.17 -3.31 28.52
N VAL A 6 -10.25 -2.81 27.92
CA VAL A 6 -10.17 -2.31 26.54
C VAL A 6 -9.04 -1.30 26.46
N GLY A 7 -8.17 -1.45 25.46
CA GLY A 7 -7.08 -0.51 25.27
C GLY A 7 -5.72 -1.07 25.63
N ALA A 8 -5.70 -2.20 26.33
CA ALA A 8 -4.43 -2.82 26.74
C ALA A 8 -3.51 -3.08 25.55
N LEU A 9 -4.09 -3.62 24.48
CA LEU A 9 -3.31 -4.03 23.31
C LEU A 9 -2.88 -2.81 22.51
N LEU A 10 -3.74 -1.80 22.41
CA LEU A 10 -3.37 -0.54 21.77
C LEU A 10 -2.17 0.08 22.48
N GLU A 11 -2.22 0.07 23.81
CA GLU A 11 -1.13 0.62 24.62
C GLU A 11 0.18 -0.13 24.41
N ALA A 12 0.12 -1.46 24.41
CA ALA A 12 1.29 -2.29 24.10
C ALA A 12 1.87 -2.01 22.70
N ALA A 13 1.00 -1.83 21.70
CA ALA A 13 1.46 -1.51 20.35
C ALA A 13 2.11 -0.12 20.28
N ASN A 14 1.48 0.87 20.93
CA ASN A 14 2.02 2.21 20.97
C ASN A 14 3.40 2.23 21.62
N GLN A 15 3.57 1.37 22.63
CA GLN A 15 4.83 1.23 23.36
C GLN A 15 5.86 0.32 22.68
N ARG A 16 5.52 -0.18 21.49
CA ARG A 16 6.43 -0.97 20.67
C ARG A 16 6.90 -2.19 21.43
N ASP A 17 6.02 -2.72 22.29
CA ASP A 17 6.40 -3.74 23.26
C ASP A 17 5.95 -5.11 22.76
N THR A 18 6.82 -5.72 21.98
CA THR A 18 6.52 -7.00 21.32
C THR A 18 6.13 -8.08 22.34
N LYS A 19 6.89 -8.18 23.42
CA LYS A 19 6.62 -9.20 24.44
C LYS A 19 5.27 -8.98 25.12
N LYS A 20 4.94 -7.73 25.44
CA LYS A 20 3.63 -7.41 26.02
C LYS A 20 2.48 -7.72 25.05
N VAL A 21 2.66 -7.42 23.77
CA VAL A 21 1.69 -7.79 22.73
C VAL A 21 1.41 -9.29 22.74
N LYS A 22 2.47 -10.10 22.75
CA LYS A 22 2.32 -11.55 22.70
C LYS A 22 1.67 -12.07 23.98
N GLU A 23 2.01 -11.46 25.12
CA GLU A 23 1.39 -11.78 26.40
C GLU A 23 -0.12 -11.59 26.32
N ILE A 24 -0.55 -10.44 25.81
CA ILE A 24 -1.98 -10.15 25.73
C ILE A 24 -2.69 -11.11 24.77
N LEU A 25 -2.05 -11.41 23.64
CA LEU A 25 -2.68 -12.23 22.61
C LEU A 25 -2.87 -13.68 23.07
N GLN A 26 -2.20 -14.06 24.14
CA GLN A 26 -2.36 -15.41 24.71
C GLN A 26 -3.78 -15.57 25.31
N ASP A 27 -4.41 -14.45 25.62
CA ASP A 27 -5.79 -14.42 26.09
C ASP A 27 -6.73 -14.61 24.90
N THR A 28 -7.34 -15.80 24.83
CA THR A 28 -8.14 -16.21 23.67
C THR A 28 -9.42 -15.40 23.52
N THR A 29 -9.80 -14.68 24.56
CA THR A 29 -11.02 -13.87 24.57
C THR A 29 -10.76 -12.44 24.09
N TYR A 30 -9.48 -12.06 23.96
CA TYR A 30 -9.16 -10.66 23.63
C TYR A 30 -9.65 -10.22 22.23
N GLN A 31 -10.32 -9.08 22.18
CA GLN A 31 -10.77 -8.52 20.91
C GLN A 31 -9.62 -7.70 20.31
N VAL A 32 -8.97 -8.25 19.28
CA VAL A 32 -7.70 -7.67 18.82
C VAL A 32 -7.86 -6.37 18.03
N ASP A 33 -9.06 -6.12 17.53
CA ASP A 33 -9.27 -4.96 16.69
C ASP A 33 -9.95 -3.77 17.41
N GLU A 34 -9.65 -3.59 18.68
CA GLU A 34 -10.05 -2.38 19.38
C GLU A 34 -9.45 -1.16 18.67
N VAL A 35 -10.09 -0.01 18.79
CA VAL A 35 -9.61 1.18 18.09
C VAL A 35 -9.34 2.40 18.99
N ASP A 36 -8.40 3.23 18.56
CA ASP A 36 -8.09 4.48 19.23
C ASP A 36 -8.88 5.65 18.65
N THR A 37 -8.56 6.87 19.09
CA THR A 37 -9.34 8.05 18.70
C THR A 37 -9.25 8.36 17.21
N GLU A 38 -8.23 7.81 16.55
CA GLU A 38 -8.02 8.02 15.12
C GLU A 38 -8.48 6.83 14.27
N GLY A 39 -9.15 5.88 14.92
CA GLY A 39 -9.67 4.72 14.22
C GLY A 39 -8.63 3.67 13.91
N ASN A 40 -7.45 3.79 14.52
CA ASN A 40 -6.37 2.81 14.37
C ASN A 40 -6.53 1.59 15.29
N THR A 41 -6.39 0.39 14.72
CA THR A 41 -6.28 -0.83 15.51
C THR A 41 -4.83 -1.05 15.92
N PRO A 42 -4.56 -2.01 16.83
CA PRO A 42 -3.18 -2.33 17.15
C PRO A 42 -2.40 -2.71 15.89
N LEU A 43 -3.04 -3.41 14.97
CA LEU A 43 -2.35 -3.80 13.74
C LEU A 43 -1.96 -2.57 12.93
N ASN A 44 -2.89 -1.64 12.77
CA ASN A 44 -2.56 -0.43 12.04
C ASN A 44 -1.41 0.35 12.70
N ILE A 45 -1.35 0.37 14.03
CA ILE A 45 -0.26 1.05 14.73
C ILE A 45 1.06 0.36 14.39
N ALA A 46 1.06 -0.96 14.47
CA ALA A 46 2.25 -1.74 14.13
C ALA A 46 2.72 -1.50 12.70
N VAL A 47 1.79 -1.38 11.76
CA VAL A 47 2.18 -1.16 10.37
C VAL A 47 2.82 0.22 10.18
N HIS A 48 2.22 1.22 10.81
CA HIS A 48 2.77 2.58 10.82
C HIS A 48 4.20 2.60 11.39
N ASN A 49 4.41 1.84 12.47
CA ASN A 49 5.71 1.75 13.14
C ASN A 49 6.72 0.83 12.45
N ASN A 50 6.24 0.04 11.49
CA ASN A 50 6.99 -1.08 10.91
C ASN A 50 7.52 -2.05 11.96
N ASP A 51 6.67 -2.37 12.93
CA ASP A 51 6.96 -3.41 13.91
C ASP A 51 6.50 -4.74 13.32
N ILE A 52 7.42 -5.39 12.62
CA ILE A 52 7.08 -6.55 11.81
C ILE A 52 6.57 -7.73 12.65
N GLU A 53 7.24 -8.02 13.76
CA GLU A 53 6.87 -9.18 14.54
C GLU A 53 5.50 -8.97 15.22
N ILE A 54 5.26 -7.75 15.70
CA ILE A 54 3.96 -7.43 16.28
C ILE A 54 2.87 -7.59 15.22
N ALA A 55 3.14 -7.08 14.03
CA ALA A 55 2.16 -7.16 12.95
C ALA A 55 1.86 -8.61 12.60
N LYS A 56 2.90 -9.44 12.48
CA LYS A 56 2.70 -10.86 12.20
C LYS A 56 1.87 -11.53 13.31
N ALA A 57 2.19 -11.23 14.57
CA ALA A 57 1.45 -11.79 15.71
C ALA A 57 -0.04 -11.45 15.65
N LEU A 58 -0.35 -10.22 15.28
CA LEU A 58 -1.74 -9.76 15.25
C LEU A 58 -2.49 -10.40 14.09
N ILE A 59 -1.84 -10.49 12.94
CA ILE A 59 -2.44 -11.13 11.78
C ILE A 59 -2.74 -12.60 12.05
N ASP A 60 -1.81 -13.29 12.73
CA ASP A 60 -2.03 -14.68 13.11
C ASP A 60 -3.20 -14.84 14.08
N ARG A 61 -3.46 -13.81 14.89
CA ARG A 61 -4.58 -13.85 15.83
C ARG A 61 -5.88 -13.31 15.24
N GLY A 62 -5.89 -13.05 13.94
CA GLY A 62 -7.12 -12.70 13.24
C GLY A 62 -7.41 -11.22 13.06
N ALA A 63 -6.41 -10.36 13.26
CA ALA A 63 -6.58 -8.91 13.07
C ALA A 63 -7.03 -8.62 11.63
N ASP A 64 -7.94 -7.67 11.48
CA ASP A 64 -8.51 -7.36 10.17
C ASP A 64 -7.58 -6.42 9.41
N ILE A 65 -6.97 -6.90 8.32
CA ILE A 65 -6.02 -6.09 7.57
C ILE A 65 -6.74 -5.00 6.77
N ASN A 66 -8.07 -5.06 6.73
CA ASN A 66 -8.84 -4.12 5.93
C ASN A 66 -9.61 -3.06 6.75
N LEU A 67 -9.38 -3.02 8.05
CA LEU A 67 -10.13 -2.10 8.90
C LEU A 67 -9.52 -0.71 8.79
N GLN A 68 -10.24 0.21 8.15
CA GLN A 68 -9.72 1.53 7.84
C GLN A 68 -9.79 2.51 9.01
N ASN A 69 -8.74 3.31 9.16
CA ASN A 69 -8.77 4.38 10.17
C ASN A 69 -9.48 5.62 9.66
N SER A 70 -9.40 6.71 10.43
CA SER A 70 -10.13 7.93 10.13
C SER A 70 -9.70 8.65 8.86
N ILE A 71 -8.55 8.30 8.30
CA ILE A 71 -8.20 8.84 6.98
C ILE A 71 -8.25 7.79 5.87
N SER A 72 -9.04 6.75 6.09
CA SER A 72 -9.28 5.69 5.10
C SER A 72 -8.13 4.71 4.88
N ASP A 73 -7.10 4.75 5.72
CA ASP A 73 -6.00 3.80 5.64
C ASP A 73 -6.28 2.55 6.48
N SER A 74 -6.37 1.42 5.81
CA SER A 74 -6.35 0.15 6.53
C SER A 74 -4.88 -0.26 6.66
N PRO A 75 -4.60 -1.28 7.50
CA PRO A 75 -3.23 -1.81 7.59
C PRO A 75 -2.68 -2.22 6.20
N TYR A 76 -3.52 -2.88 5.39
CA TYR A 76 -3.13 -3.29 4.04
C TYR A 76 -2.80 -2.10 3.12
N LEU A 77 -3.70 -1.12 3.06
CA LEU A 77 -3.50 0.02 2.20
C LEU A 77 -2.25 0.79 2.59
N TYR A 78 -2.02 0.91 3.90
CA TYR A 78 -0.87 1.65 4.39
C TYR A 78 0.43 0.87 4.14
N ALA A 79 0.43 -0.42 4.44
CA ALA A 79 1.62 -1.24 4.18
C ALA A 79 2.06 -1.17 2.70
N GLY A 80 1.09 -1.24 1.79
CA GLY A 80 1.38 -1.15 0.37
C GLY A 80 1.92 0.21 -0.04
N ALA A 81 1.19 1.25 0.33
CA ALA A 81 1.57 2.62 0.00
C ALA A 81 2.93 3.04 0.54
N GLN A 82 3.29 2.57 1.73
CA GLN A 82 4.42 3.14 2.47
C GLN A 82 5.64 2.25 2.53
N GLY A 83 5.67 1.20 1.71
CA GLY A 83 6.88 0.41 1.53
C GLY A 83 7.21 -0.54 2.67
N ARG A 84 6.20 -0.93 3.43
CA ARG A 84 6.38 -1.95 4.48
C ARG A 84 6.35 -3.32 3.84
N THR A 85 7.44 -3.66 3.17
CA THR A 85 7.49 -4.84 2.30
C THR A 85 7.30 -6.17 3.00
N GLU A 86 8.02 -6.36 4.12
CA GLU A 86 7.91 -7.60 4.89
C GLU A 86 6.49 -7.82 5.39
N ILE A 87 5.87 -6.77 5.92
CA ILE A 87 4.49 -6.90 6.41
C ILE A 87 3.52 -7.17 5.27
N LEU A 88 3.71 -6.48 4.14
CA LEU A 88 2.87 -6.67 2.95
C LEU A 88 2.97 -8.10 2.43
N ALA A 89 4.19 -8.60 2.31
CA ALA A 89 4.38 -9.99 1.90
C ALA A 89 3.62 -10.96 2.81
N TYR A 90 3.67 -10.71 4.12
CA TYR A 90 2.97 -11.55 5.07
C TYR A 90 1.46 -11.47 4.87
N MET A 91 0.95 -10.25 4.69
CA MET A 91 -0.47 -10.05 4.46
C MET A 91 -0.93 -10.79 3.21
N LEU A 92 -0.15 -10.72 2.14
CA LEU A 92 -0.52 -11.40 0.88
C LEU A 92 -0.53 -12.93 1.01
N LYS A 93 0.16 -13.46 2.02
CA LYS A 93 0.17 -14.90 2.27
C LYS A 93 -0.82 -15.36 3.33
N HIS A 94 -1.10 -14.51 4.31
CA HIS A 94 -1.85 -14.95 5.50
C HIS A 94 -3.16 -14.23 5.77
N ALA A 95 -3.57 -13.38 4.84
CA ALA A 95 -4.82 -12.64 4.98
C ALA A 95 -5.42 -12.39 3.61
N THR A 96 -6.61 -11.78 3.59
CA THR A 96 -7.33 -11.58 2.34
C THR A 96 -7.65 -10.11 2.19
N PRO A 97 -6.93 -9.43 1.30
CA PRO A 97 -7.18 -7.98 1.09
C PRO A 97 -8.55 -7.75 0.50
N ASP A 98 -9.20 -6.68 0.94
CA ASP A 98 -10.51 -6.27 0.42
C ASP A 98 -10.29 -5.19 -0.64
N LEU A 99 -10.43 -5.55 -1.90
CA LEU A 99 -10.13 -4.58 -2.95
C LEU A 99 -11.26 -3.58 -3.24
N ASN A 100 -12.35 -3.64 -2.48
CA ASN A 100 -13.37 -2.60 -2.56
C ASN A 100 -13.15 -1.46 -1.55
N LYS A 101 -12.10 -1.60 -0.74
CA LYS A 101 -11.71 -0.52 0.17
C LYS A 101 -10.57 0.31 -0.43
N HIS A 102 -10.75 1.63 -0.47
CA HIS A 102 -9.78 2.53 -1.11
C HIS A 102 -9.27 3.58 -0.13
N ASN A 103 -8.13 4.18 -0.44
CA ASN A 103 -7.55 5.20 0.43
C ASN A 103 -8.27 6.52 0.30
N ARG A 104 -7.79 7.56 0.98
CA ARG A 104 -8.47 8.85 1.00
C ARG A 104 -8.60 9.50 -0.40
N TYR A 105 -7.79 9.06 -1.35
CA TYR A 105 -7.83 9.66 -2.69
C TYR A 105 -8.49 8.72 -3.69
N GLY A 106 -9.11 7.66 -3.17
CA GLY A 106 -9.82 6.70 -4.01
C GLY A 106 -8.90 5.72 -4.70
N GLY A 107 -7.66 5.63 -4.22
CA GLY A 107 -6.68 4.73 -4.78
C GLY A 107 -6.62 3.38 -4.06
N ASN A 108 -5.79 2.49 -4.59
CA ASN A 108 -5.56 1.17 -4.00
C ASN A 108 -4.18 1.11 -3.32
N ALA A 109 -3.63 -0.09 -3.13
CA ALA A 109 -2.28 -0.19 -2.57
C ALA A 109 -1.16 0.07 -3.59
N LEU A 110 -1.43 -0.22 -4.86
CA LEU A 110 -0.41 -0.20 -5.92
C LEU A 110 -0.08 1.22 -6.44
N ILE A 111 -1.10 2.05 -6.61
CA ILE A 111 -0.87 3.41 -7.07
C ILE A 111 0.14 4.19 -6.21
N PRO A 112 -0.10 4.27 -4.88
CA PRO A 112 0.85 4.99 -4.03
C PRO A 112 2.19 4.27 -3.89
N ALA A 113 2.20 2.92 -3.93
CA ALA A 113 3.48 2.21 -3.90
C ALA A 113 4.36 2.67 -5.05
N ALA A 114 3.77 2.79 -6.24
CA ALA A 114 4.53 3.25 -7.41
C ALA A 114 4.94 4.72 -7.30
N GLU A 115 4.02 5.59 -6.86
CA GLU A 115 4.30 7.01 -6.77
C GLU A 115 5.42 7.25 -5.78
N LYS A 116 5.41 6.49 -4.68
CA LYS A 116 6.37 6.69 -3.61
C LYS A 116 7.69 5.94 -3.82
N GLY A 117 7.81 5.27 -4.96
CA GLY A 117 9.06 4.62 -5.34
C GLY A 117 9.34 3.28 -4.70
N HIS A 118 8.32 2.66 -4.12
CA HIS A 118 8.50 1.40 -3.42
C HIS A 118 8.43 0.23 -4.38
N ILE A 119 9.49 0.05 -5.16
CA ILE A 119 9.47 -0.89 -6.27
C ILE A 119 9.29 -2.34 -5.81
N ASP A 120 9.85 -2.68 -4.66
CA ASP A 120 9.66 -4.03 -4.13
C ASP A 120 8.19 -4.29 -3.81
N ASN A 121 7.49 -3.28 -3.29
CA ASN A 121 6.04 -3.41 -3.08
C ASN A 121 5.26 -3.57 -4.39
N VAL A 122 5.65 -2.80 -5.40
CA VAL A 122 5.03 -2.93 -6.72
C VAL A 122 5.14 -4.36 -7.25
N LYS A 123 6.34 -4.93 -7.15
CA LYS A 123 6.60 -6.28 -7.65
C LYS A 123 5.73 -7.27 -6.93
N LEU A 124 5.69 -7.13 -5.60
CA LEU A 124 4.88 -7.99 -4.75
C LEU A 124 3.40 -7.95 -5.17
N LEU A 125 2.86 -6.74 -5.34
CA LEU A 125 1.46 -6.59 -5.69
C LEU A 125 1.17 -7.11 -7.10
N LEU A 126 2.09 -6.87 -8.03
CA LEU A 126 1.93 -7.41 -9.39
C LEU A 126 1.96 -8.95 -9.40
N GLU A 127 2.89 -9.55 -8.66
CA GLU A 127 3.04 -11.01 -8.62
C GLU A 127 1.86 -11.72 -7.95
N ASP A 128 1.47 -11.26 -6.76
CA ASP A 128 0.48 -11.99 -5.97
C ASP A 128 -0.53 -11.10 -5.22
N GLY A 129 -0.95 -10.02 -5.88
CA GLY A 129 -1.79 -9.02 -5.25
C GLY A 129 -3.25 -8.92 -5.66
N ARG A 130 -3.59 -9.27 -6.91
CA ARG A 130 -4.98 -9.19 -7.38
C ARG A 130 -5.35 -7.76 -7.79
N GLU A 131 -4.53 -6.81 -7.37
CA GLU A 131 -4.71 -5.40 -7.74
C GLU A 131 -4.76 -5.25 -9.27
N ASP A 132 -5.70 -4.45 -9.75
CA ASP A 132 -5.83 -4.14 -11.16
C ASP A 132 -4.76 -3.11 -11.52
N ILE A 133 -3.85 -3.47 -12.42
CA ILE A 133 -2.75 -2.57 -12.78
C ILE A 133 -3.27 -1.28 -13.40
N ASP A 134 -4.50 -1.32 -13.92
CA ASP A 134 -5.08 -0.18 -14.61
C ASP A 134 -6.08 0.59 -13.74
N PHE A 135 -6.07 0.32 -12.44
CA PHE A 135 -7.00 0.98 -11.54
C PHE A 135 -6.71 2.48 -11.53
N GLN A 136 -7.75 3.29 -11.36
CA GLN A 136 -7.58 4.74 -11.29
C GLN A 136 -8.10 5.31 -9.99
N ASN A 137 -7.42 6.31 -9.48
CA ASN A 137 -7.91 7.02 -8.30
C ASN A 137 -8.83 8.20 -8.65
N ASP A 138 -9.13 9.05 -7.67
CA ASP A 138 -10.14 10.12 -7.85
C ASP A 138 -9.73 11.14 -8.91
N PHE A 139 -8.42 11.22 -9.16
CA PHE A 139 -7.87 12.13 -10.15
C PHE A 139 -7.79 11.50 -11.54
N GLY A 140 -8.12 10.22 -11.64
CA GLY A 140 -7.98 9.48 -12.88
C GLY A 140 -6.58 8.92 -13.09
N TYR A 141 -5.73 9.09 -12.09
CA TYR A 141 -4.33 8.65 -12.18
C TYR A 141 -4.26 7.15 -12.03
N THR A 142 -3.45 6.51 -12.87
CA THR A 142 -3.05 5.14 -12.68
C THR A 142 -1.68 5.14 -12.01
N ALA A 143 -1.20 3.95 -11.64
CA ALA A 143 0.13 3.79 -11.09
C ALA A 143 1.17 4.32 -12.07
N LEU A 144 0.99 4.00 -13.34
CA LEU A 144 1.91 4.49 -14.36
C LEU A 144 1.95 6.02 -14.45
N ILE A 145 0.78 6.64 -14.49
CA ILE A 145 0.69 8.10 -14.58
C ILE A 145 1.36 8.76 -13.38
N GLU A 146 1.10 8.25 -12.18
CA GLU A 146 1.72 8.83 -10.99
C GLU A 146 3.24 8.66 -11.03
N ALA A 147 3.70 7.45 -11.38
CA ALA A 147 5.13 7.18 -11.46
C ALA A 147 5.86 8.10 -12.44
N VAL A 148 5.18 8.50 -13.52
CA VAL A 148 5.75 9.38 -14.54
C VAL A 148 5.55 10.86 -14.20
N GLY A 149 4.30 11.24 -13.94
CA GLY A 149 3.93 12.65 -13.90
C GLY A 149 4.13 13.36 -12.58
N LEU A 150 4.07 12.59 -11.50
CA LEU A 150 4.12 13.21 -10.18
C LEU A 150 5.53 13.23 -9.62
N ARG A 151 6.44 12.51 -10.28
CA ARG A 151 7.78 12.30 -9.72
C ARG A 151 8.89 12.85 -10.60
N GLU A 152 10.14 12.49 -10.27
CA GLU A 152 11.34 13.16 -10.76
C GLU A 152 11.96 12.58 -12.04
N GLY A 153 11.39 11.50 -12.55
CA GLY A 153 11.85 10.91 -13.81
C GLY A 153 13.21 10.23 -13.77
N ASN A 154 13.71 9.98 -12.56
CA ASN A 154 15.06 9.44 -12.41
C ASN A 154 15.11 7.94 -12.59
N GLN A 155 16.27 7.33 -12.32
CA GLN A 155 16.45 5.91 -12.53
C GLN A 155 15.38 5.03 -11.85
N LEU A 156 15.04 5.38 -10.60
CA LEU A 156 14.10 4.58 -9.82
C LEU A 156 12.75 4.56 -10.54
N TYR A 157 12.34 5.72 -11.00
CA TYR A 157 11.03 5.83 -11.67
C TYR A 157 11.05 5.25 -13.08
N GLN A 158 12.21 5.33 -13.73
CA GLN A 158 12.40 4.65 -15.00
C GLN A 158 12.20 3.15 -14.76
N ASP A 159 12.77 2.63 -13.70
CA ASP A 159 12.64 1.20 -13.40
C ASP A 159 11.18 0.80 -13.06
N ILE A 160 10.48 1.67 -12.35
CA ILE A 160 9.08 1.40 -12.01
C ILE A 160 8.21 1.43 -13.26
N VAL A 161 8.47 2.40 -14.14
CA VAL A 161 7.77 2.45 -15.42
C VAL A 161 7.98 1.15 -16.25
N LYS A 162 9.23 0.69 -16.33
CA LYS A 162 9.53 -0.53 -17.07
C LYS A 162 8.82 -1.76 -16.49
N LEU A 163 8.88 -1.90 -15.17
CA LEU A 163 8.19 -2.95 -14.43
C LEU A 163 6.69 -2.97 -14.77
N LEU A 164 6.06 -1.80 -14.73
CA LEU A 164 4.62 -1.70 -15.03
C LEU A 164 4.31 -2.09 -16.48
N MET A 165 5.11 -1.59 -17.42
CA MET A 165 4.87 -1.92 -18.83
C MET A 165 5.11 -3.39 -19.09
N GLU A 166 6.09 -3.97 -18.41
CA GLU A 166 6.38 -5.38 -18.63
C GLU A 166 5.27 -6.26 -18.06
N ASN A 167 4.42 -5.67 -17.23
CA ASN A 167 3.31 -6.39 -16.64
C ASN A 167 1.98 -6.00 -17.27
N GLY A 168 2.06 -5.35 -18.44
CA GLY A 168 0.88 -5.09 -19.24
C GLY A 168 0.08 -3.85 -18.87
N ALA A 169 0.68 -2.90 -18.17
CA ALA A 169 -0.02 -1.63 -17.88
C ALA A 169 -0.51 -0.99 -19.17
N ASP A 170 -1.73 -0.47 -19.14
CA ASP A 170 -2.29 0.24 -20.30
C ASP A 170 -1.84 1.69 -20.26
N GLN A 171 -0.95 2.07 -21.15
CA GLN A 171 -0.45 3.44 -21.15
C GLN A 171 -1.33 4.45 -21.88
N SER A 172 -2.39 3.96 -22.51
CA SER A 172 -3.31 4.84 -23.25
C SER A 172 -4.34 5.51 -22.35
N ILE A 173 -4.42 5.04 -21.10
CA ILE A 173 -5.41 5.59 -20.16
C ILE A 173 -5.16 7.08 -19.87
N LYS A 174 -6.22 7.88 -19.97
CA LYS A 174 -6.15 9.32 -19.68
C LYS A 174 -6.68 9.62 -18.29
N ASP A 175 -5.99 10.51 -17.57
CA ASP A 175 -6.51 10.98 -16.29
C ASP A 175 -7.62 12.01 -16.51
N ASN A 176 -8.08 12.62 -15.42
CA ASN A 176 -9.22 13.54 -15.49
C ASN A 176 -8.90 14.83 -16.24
N SER A 177 -7.61 15.12 -16.43
CA SER A 177 -7.20 16.27 -17.23
C SER A 177 -7.01 15.90 -18.70
N GLY A 178 -7.25 14.63 -19.03
CA GLY A 178 -7.12 14.17 -20.41
C GLY A 178 -5.71 13.83 -20.84
N ARG A 179 -4.82 13.65 -19.87
CA ARG A 179 -3.41 13.40 -20.18
C ARG A 179 -3.02 11.94 -19.93
N THR A 180 -2.13 11.42 -20.78
CA THR A 180 -1.58 10.09 -20.59
C THR A 180 -0.18 10.18 -20.00
N ALA A 181 0.36 9.03 -19.61
CA ALA A 181 1.73 8.95 -19.12
C ALA A 181 2.75 9.50 -20.16
N MET A 182 2.57 9.17 -21.43
CA MET A 182 3.42 9.68 -22.48
C MET A 182 3.38 11.21 -22.55
N ASP A 183 2.18 11.77 -22.38
CA ASP A 183 1.98 13.22 -22.35
C ASP A 183 2.82 13.87 -21.26
N TYR A 184 2.75 13.32 -20.05
CA TYR A 184 3.49 13.89 -18.93
C TYR A 184 5.01 13.80 -19.13
N ALA A 185 5.50 12.64 -19.55
CA ALA A 185 6.93 12.46 -19.74
C ALA A 185 7.46 13.45 -20.78
N ASN A 186 6.71 13.59 -21.87
CA ASN A 186 7.07 14.54 -22.91
C ASN A 186 7.10 16.00 -22.42
N GLN A 187 6.06 16.42 -21.70
CA GLN A 187 5.96 17.78 -21.14
C GLN A 187 7.11 18.10 -20.19
N LYS A 188 7.52 17.10 -19.42
CA LYS A 188 8.48 17.33 -18.35
C LYS A 188 9.92 17.13 -18.82
N GLY A 189 10.06 16.66 -20.06
CA GLY A 189 11.37 16.40 -20.62
C GLY A 189 12.02 15.15 -20.07
N TYR A 190 11.20 14.18 -19.66
CA TYR A 190 11.72 12.91 -19.11
C TYR A 190 12.08 11.94 -20.22
N THR A 191 13.22 12.22 -20.87
CA THR A 191 13.64 11.50 -22.05
C THR A 191 13.70 10.00 -21.92
N GLU A 192 14.29 9.49 -20.84
CA GLU A 192 14.42 8.05 -20.69
C GLU A 192 13.08 7.35 -20.53
N ILE A 193 12.17 7.97 -19.77
CA ILE A 193 10.81 7.45 -19.67
C ILE A 193 10.10 7.47 -21.03
N SER A 194 10.23 8.57 -21.76
CA SER A 194 9.58 8.67 -23.08
C SER A 194 10.02 7.54 -24.01
N LYS A 195 11.31 7.25 -24.00
CA LYS A 195 11.89 6.22 -24.84
C LYS A 195 11.32 4.85 -24.43
N ILE A 196 11.27 4.59 -23.14
CA ILE A 196 10.69 3.34 -22.62
C ILE A 196 9.25 3.22 -23.09
N LEU A 197 8.46 4.28 -22.92
CA LEU A 197 7.05 4.22 -23.30
C LEU A 197 6.86 4.01 -24.81
N ALA A 198 7.73 4.62 -25.62
CA ALA A 198 7.66 4.52 -27.08
C ALA A 198 7.86 3.08 -27.57
N GLN A 199 8.50 2.26 -26.74
CA GLN A 199 8.79 0.87 -27.12
C GLN A 199 7.63 -0.11 -26.92
N TYR A 200 6.56 0.35 -26.27
CA TYR A 200 5.39 -0.47 -26.05
C TYR A 200 4.19 0.13 -26.77
N ASN A 201 3.18 -0.69 -27.02
CA ASN A 201 1.90 -0.21 -27.54
C ASN A 201 0.99 0.21 -26.39
CL CL B . -3.85 6.92 -4.63
#